data_5SV3
#
_entry.id   5SV3
#
_cell.length_a   117.759
_cell.length_b   130.432
_cell.length_c   35.876
_cell.angle_alpha   90.00
_cell.angle_beta   90.00
_cell.angle_gamma   90.00
#
_symmetry.space_group_name_H-M   'P 21 21 2'
#
loop_
_entity.id
_entity.type
_entity.pdbx_description
1 polymer 'Anti-Ricin A-chain Single Domain Antibody (sdAb) A3C8'
2 polymer Ricin
3 non-polymer 'SULFATE ION'
4 water water
#
loop_
_entity_poly.entity_id
_entity_poly.type
_entity_poly.pdbx_seq_one_letter_code
_entity_poly.pdbx_strand_id
1 'polypeptide(L)'
;MAEVQLVESGGGLVQAGDSLRLSCTASGRTLGDYGVAWFRQAPGKEREFVSVISRSTIITDYADSVRGRFSISADSAKNT
VYLQMNSLKPEDTAVYYCAVIANPVYATSRNSDDYGHWGQGTQVTVSSAAALEHHHHHH
;
A,C
2 'polypeptide(L)'
;MAIFPKQYPIINFTTAGATVQSYTNFIRAVRGRLTVLPNRVGLPINQRFILVELSNHAELSVTLALDVTNAYVVGYRAGN
SAYFFHPDNQEDAEAITHLFTDVQNRYTFAFGGNYDRLEQLAGNLRENIELGNGPLEEAISALYYYSTGGTQLPTLARSF
IICIQMISEAARFQYIEGEMRTRIRYNRRS
;
B,D
#
# COMPACT_ATOMS: atom_id res chain seq x y z
N GLU A 3 0.62 -24.75 13.96
CA GLU A 3 0.46 -25.91 14.90
C GLU A 3 0.11 -25.59 16.36
N VAL A 4 -0.10 -24.32 16.69
CA VAL A 4 -0.29 -23.92 18.08
C VAL A 4 -1.73 -24.18 18.52
N GLN A 5 -1.86 -24.64 19.77
CA GLN A 5 -3.14 -25.01 20.38
C GLN A 5 -3.26 -24.29 21.72
N LEU A 6 -4.25 -23.41 21.84
CA LEU A 6 -4.47 -22.64 23.07
C LEU A 6 -5.59 -23.24 23.91
N VAL A 7 -5.36 -23.31 25.22
CA VAL A 7 -6.33 -23.85 26.18
C VAL A 7 -6.47 -22.90 27.36
N GLU A 8 -7.71 -22.46 27.62
CA GLU A 8 -8.00 -21.59 28.75
C GLU A 8 -8.42 -22.41 29.97
N SER A 9 -7.92 -22.01 31.13
CA SER A 9 -8.31 -22.61 32.42
C SER A 9 -8.31 -21.54 33.52
N GLY A 10 -8.84 -21.92 34.68
CA GLY A 10 -8.94 -21.02 35.86
C GLY A 10 -10.33 -20.47 36.17
N GLY A 11 -11.26 -20.67 35.24
CA GLY A 11 -12.64 -20.17 35.39
C GLY A 11 -13.47 -20.95 36.38
N GLY A 12 -14.60 -20.37 36.78
CA GLY A 12 -15.51 -20.97 37.76
C GLY A 12 -16.55 -20.00 38.31
N LEU A 13 -17.16 -20.40 39.43
CA LEU A 13 -18.16 -19.57 40.13
C LEU A 13 -17.54 -18.84 41.31
N VAL A 14 -17.72 -17.53 41.31
CA VAL A 14 -17.23 -16.66 42.38
C VAL A 14 -18.32 -15.67 42.75
N GLN A 15 -18.06 -14.92 43.82
CA GLN A 15 -18.96 -13.88 44.30
C GLN A 15 -18.41 -12.51 43.85
N ALA A 16 -19.26 -11.48 43.82
CA ALA A 16 -18.82 -10.12 43.48
C ALA A 16 -17.79 -9.62 44.50
N GLY A 17 -16.77 -8.91 44.02
CA GLY A 17 -15.66 -8.43 44.85
C GLY A 17 -14.48 -9.37 44.93
N ASP A 18 -14.68 -10.64 44.53
CA ASP A 18 -13.64 -11.65 44.56
C ASP A 18 -12.61 -11.44 43.47
N SER A 19 -11.48 -12.11 43.65
CA SER A 19 -10.45 -12.16 42.63
C SER A 19 -10.48 -13.51 41.97
N LEU A 20 -9.90 -13.57 40.78
CA LEU A 20 -9.78 -14.80 40.02
C LEU A 20 -8.64 -14.63 39.02
N ARG A 21 -8.00 -15.74 38.67
CA ARG A 21 -6.82 -15.75 37.83
C ARG A 21 -6.97 -16.79 36.73
N LEU A 22 -7.05 -16.33 35.47
CA LEU A 22 -7.16 -17.20 34.32
C LEU A 22 -5.80 -17.55 33.74
N SER A 23 -5.73 -18.66 33.02
CA SER A 23 -4.50 -19.15 32.40
C SER A 23 -4.73 -19.55 30.96
N CYS A 24 -3.96 -18.96 30.06
CA CYS A 24 -3.97 -19.32 28.65
C CYS A 24 -2.70 -20.14 28.37
N THR A 25 -2.86 -21.46 28.35
CA THR A 25 -1.75 -22.40 28.16
C THR A 25 -1.70 -22.85 26.70
N ALA A 26 -0.48 -22.97 26.18
CA ALA A 26 -0.25 -23.33 24.76
C ALA A 26 0.55 -24.62 24.61
N SER A 27 0.28 -25.33 23.52
CA SER A 27 1.05 -26.50 23.09
C SER A 27 1.12 -26.48 21.56
N GLY A 28 2.21 -26.98 21.00
CA GLY A 28 2.45 -26.93 19.55
C GLY A 28 3.52 -25.93 19.15
N ARG A 29 3.65 -24.85 19.93
CA ARG A 29 4.70 -23.86 19.76
C ARG A 29 4.90 -23.08 21.06
N THR A 30 6.01 -22.36 21.14
CA THR A 30 6.32 -21.51 22.29
C THR A 30 5.42 -20.27 22.25
N LEU A 31 4.72 -20.01 23.36
CA LEU A 31 3.76 -18.90 23.45
C LEU A 31 4.45 -17.53 23.54
N GLY A 32 5.67 -17.53 24.07
CA GLY A 32 6.56 -16.35 24.05
C GLY A 32 6.90 -15.80 22.67
N ASP A 33 6.68 -16.62 21.64
CA ASP A 33 6.78 -16.19 20.25
C ASP A 33 5.49 -15.56 19.66
N TYR A 34 4.54 -15.17 20.51
CA TYR A 34 3.30 -14.51 20.07
C TYR A 34 2.90 -13.34 20.96
N GLY A 35 2.09 -12.47 20.40
CA GLY A 35 1.30 -11.50 21.16
C GLY A 35 -0.01 -12.20 21.51
N VAL A 36 -0.36 -12.17 22.80
CA VAL A 36 -1.51 -12.91 23.31
C VAL A 36 -2.56 -11.95 23.85
N ALA A 37 -3.80 -12.14 23.43
CA ALA A 37 -4.93 -11.34 23.89
C ALA A 37 -5.99 -12.22 24.53
N TRP A 38 -6.74 -11.61 25.45
CA TRP A 38 -7.94 -12.21 26.02
C TRP A 38 -9.13 -11.46 25.46
N PHE A 39 -10.16 -12.23 25.09
CA PHE A 39 -11.46 -11.71 24.71
C PHE A 39 -12.49 -12.40 25.60
N ARG A 40 -13.71 -11.89 25.56
CA ARG A 40 -14.80 -12.47 26.34
C ARG A 40 -16.14 -12.25 25.66
N GLN A 41 -17.09 -13.13 25.99
CA GLN A 41 -18.44 -13.02 25.47
C GLN A 41 -19.45 -13.29 26.56
N ALA A 42 -20.08 -12.21 27.03
CA ALA A 42 -21.15 -12.29 28.03
C ALA A 42 -22.43 -12.79 27.36
N PRO A 43 -23.38 -13.33 28.15
CA PRO A 43 -24.65 -13.78 27.58
C PRO A 43 -25.41 -12.69 26.84
N GLY A 44 -25.85 -13.00 25.62
CA GLY A 44 -26.60 -12.05 24.79
C GLY A 44 -25.80 -10.89 24.28
N LYS A 45 -24.49 -11.07 24.12
CA LYS A 45 -23.58 -10.01 23.70
C LYS A 45 -22.49 -10.47 22.73
N GLU A 46 -21.93 -9.50 22.02
CA GLU A 46 -20.90 -9.73 21.01
C GLU A 46 -19.57 -10.04 21.70
N ARG A 47 -18.67 -10.68 20.97
CA ARG A 47 -17.32 -10.93 21.47
C ARG A 47 -16.64 -9.57 21.75
N GLU A 48 -16.06 -9.44 22.93
CA GLU A 48 -15.52 -8.17 23.43
C GLU A 48 -14.01 -8.31 23.64
N PHE A 49 -13.24 -7.31 23.22
CA PHE A 49 -11.82 -7.22 23.59
C PHE A 49 -11.70 -6.97 25.09
N VAL A 50 -10.75 -7.64 25.74
CA VAL A 50 -10.51 -7.47 27.17
C VAL A 50 -9.10 -6.94 27.44
N SER A 51 -8.10 -7.67 26.98
CA SER A 51 -6.69 -7.32 27.24
C SER A 51 -5.72 -7.97 26.25
N VAL A 52 -4.54 -7.37 26.08
CA VAL A 52 -3.48 -7.93 25.22
C VAL A 52 -2.09 -7.63 25.78
N ILE A 53 -1.18 -8.59 25.57
CA ILE A 53 0.26 -8.40 25.84
C ILE A 53 1.06 -8.70 24.58
N SER A 54 1.99 -7.82 24.25
CA SER A 54 2.79 -7.95 23.02
C SER A 54 3.87 -9.01 23.20
N ARG A 55 4.35 -9.55 22.09
CA ARG A 55 5.46 -10.51 22.08
C ARG A 55 6.67 -9.98 22.85
N SER A 56 6.98 -8.71 22.59
CA SER A 56 8.02 -7.97 23.31
C SER A 56 7.77 -7.72 24.81
N THR A 57 6.54 -7.92 25.27
CA THR A 57 6.14 -7.85 26.70
C THR A 57 6.13 -6.44 27.33
N ILE A 58 6.41 -5.40 26.55
CA ILE A 58 6.36 -4.02 27.11
C ILE A 58 5.09 -3.24 26.78
N ILE A 59 4.33 -3.70 25.78
CA ILE A 59 3.04 -3.10 25.46
C ILE A 59 1.92 -3.97 26.00
N THR A 60 1.07 -3.36 26.82
CA THR A 60 -0.20 -3.93 27.23
C THR A 60 -1.30 -2.97 26.85
N ASP A 61 -2.53 -3.48 26.87
CA ASP A 61 -3.71 -2.69 26.55
C ASP A 61 -4.92 -3.37 27.18
N TYR A 62 -5.88 -2.56 27.61
CA TYR A 62 -7.08 -3.05 28.30
C TYR A 62 -8.32 -2.34 27.75
N ALA A 63 -9.45 -3.04 27.80
CA ALA A 63 -10.74 -2.43 27.56
C ALA A 63 -11.04 -1.47 28.70
N ASP A 64 -11.78 -0.40 28.42
CA ASP A 64 -12.06 0.63 29.42
C ASP A 64 -12.75 0.06 30.66
N SER A 65 -13.68 -0.87 30.45
CA SER A 65 -14.46 -1.47 31.54
C SER A 65 -13.67 -2.36 32.53
N VAL A 66 -12.45 -2.75 32.17
CA VAL A 66 -11.60 -3.56 33.05
C VAL A 66 -10.33 -2.87 33.59
N ARG A 67 -10.08 -1.63 33.19
CA ARG A 67 -8.87 -0.94 33.62
C ARG A 67 -8.84 -0.70 35.10
N GLY A 68 -7.63 -0.81 35.66
CA GLY A 68 -7.45 -0.72 37.10
C GLY A 68 -7.83 -1.99 37.86
N ARG A 69 -8.67 -2.83 37.26
CA ARG A 69 -9.14 -4.07 37.86
C ARG A 69 -8.37 -5.29 37.36
N PHE A 70 -8.15 -5.36 36.05
CA PHE A 70 -7.54 -6.53 35.42
C PHE A 70 -6.06 -6.25 35.13
N SER A 71 -5.26 -7.31 35.15
CA SER A 71 -3.82 -7.21 34.95
C SER A 71 -3.35 -8.40 34.12
N ILE A 72 -2.79 -8.10 32.95
CA ILE A 72 -2.23 -9.14 32.08
C ILE A 72 -0.75 -9.33 32.38
N SER A 73 -0.29 -10.57 32.26
CA SER A 73 1.12 -10.90 32.46
C SER A 73 1.43 -12.25 31.82
N ALA A 74 2.71 -12.48 31.60
CA ALA A 74 3.18 -13.69 30.93
C ALA A 74 4.24 -14.43 31.72
N ASP A 75 4.30 -15.73 31.51
CA ASP A 75 5.28 -16.61 32.13
C ASP A 75 5.70 -17.65 31.11
N SER A 76 6.86 -17.45 30.50
CA SER A 76 7.40 -18.39 29.52
C SER A 76 7.95 -19.65 30.19
N ALA A 77 8.25 -19.55 31.50
CA ALA A 77 8.65 -20.72 32.30
C ALA A 77 7.65 -21.86 32.19
N LYS A 78 6.36 -21.52 32.17
CA LYS A 78 5.29 -22.50 32.00
C LYS A 78 4.71 -22.54 30.60
N ASN A 79 5.01 -21.53 29.78
CA ASN A 79 4.44 -21.38 28.44
C ASN A 79 2.97 -20.95 28.57
N THR A 80 2.76 -19.93 29.41
CA THR A 80 1.43 -19.48 29.80
C THR A 80 1.35 -17.95 29.92
N VAL A 81 0.17 -17.42 29.58
CA VAL A 81 -0.18 -16.00 29.76
C VAL A 81 -1.37 -15.92 30.75
N TYR A 82 -1.20 -15.12 31.80
CA TYR A 82 -2.20 -14.98 32.84
C TYR A 82 -3.09 -13.76 32.63
N LEU A 83 -4.26 -13.81 33.25
CA LEU A 83 -5.14 -12.66 33.39
C LEU A 83 -5.61 -12.66 34.83
N GLN A 84 -5.04 -11.75 35.63
CA GLN A 84 -5.49 -11.52 36.99
C GLN A 84 -6.72 -10.63 36.90
N MET A 85 -7.81 -11.06 37.53
CA MET A 85 -9.06 -10.32 37.56
C MET A 85 -9.39 -10.01 39.00
N ASN A 86 -9.45 -8.73 39.35
CA ASN A 86 -9.79 -8.28 40.72
C ASN A 86 -11.07 -7.49 40.72
N SER A 87 -11.65 -7.35 41.91
CA SER A 87 -12.86 -6.56 42.12
C SER A 87 -13.94 -6.96 41.10
N LEU A 88 -14.11 -8.26 40.95
CA LEU A 88 -15.04 -8.83 39.96
C LEU A 88 -16.47 -8.39 40.24
N LYS A 89 -17.20 -8.13 39.16
CA LYS A 89 -18.59 -7.70 39.23
C LYS A 89 -19.42 -8.60 38.30
N PRO A 90 -20.75 -8.68 38.49
CA PRO A 90 -21.61 -9.51 37.64
C PRO A 90 -21.49 -9.28 36.13
N GLU A 91 -21.18 -8.04 35.75
CA GLU A 91 -20.99 -7.63 34.35
C GLU A 91 -19.83 -8.37 33.66
N ASP A 92 -18.87 -8.85 34.45
CA ASP A 92 -17.76 -9.69 33.97
C ASP A 92 -18.13 -11.13 33.66
N THR A 93 -19.34 -11.56 34.02
CA THR A 93 -19.82 -12.90 33.70
C THR A 93 -19.80 -13.09 32.20
N ALA A 94 -19.00 -14.06 31.75
CA ALA A 94 -18.80 -14.37 30.33
C ALA A 94 -17.92 -15.60 30.17
N VAL A 95 -17.82 -16.07 28.93
CA VAL A 95 -16.82 -17.07 28.55
C VAL A 95 -15.59 -16.30 28.09
N TYR A 96 -14.44 -16.60 28.70
CA TYR A 96 -13.18 -15.94 28.37
C TYR A 96 -12.35 -16.79 27.43
N TYR A 97 -11.99 -16.20 26.29
CA TYR A 97 -11.15 -16.83 25.29
C TYR A 97 -9.81 -16.13 25.22
N CYS A 98 -8.78 -16.87 24.83
CA CYS A 98 -7.49 -16.27 24.46
C CYS A 98 -7.12 -16.66 23.04
N ALA A 99 -6.29 -15.82 22.43
CA ALA A 99 -5.89 -15.99 21.03
C ALA A 99 -4.53 -15.36 20.82
N VAL A 100 -3.91 -15.72 19.70
CA VAL A 100 -2.61 -15.15 19.32
C VAL A 100 -2.79 -14.15 18.20
N ILE A 101 -2.03 -13.07 18.26
CA ILE A 101 -2.08 -12.04 17.24
C ILE A 101 -1.46 -12.63 15.97
N ALA A 102 -2.28 -12.73 14.93
CA ALA A 102 -1.93 -13.42 13.68
C ALA A 102 -1.62 -12.46 12.54
N ASN A 103 -1.85 -11.16 12.75
CA ASN A 103 -1.54 -10.14 11.76
C ASN A 103 -0.18 -9.50 12.08
N PRO A 104 0.89 -9.92 11.36
CA PRO A 104 2.25 -9.49 11.72
C PRO A 104 2.57 -7.98 11.63
N VAL A 105 1.69 -7.18 11.04
CA VAL A 105 1.82 -5.71 11.07
C VAL A 105 1.70 -5.13 12.49
N TYR A 106 0.83 -5.70 13.32
CA TYR A 106 0.56 -5.16 14.65
C TYR A 106 1.21 -5.95 15.78
N ALA A 107 1.73 -5.21 16.76
CA ALA A 107 2.17 -5.77 18.05
C ALA A 107 0.97 -5.95 19.00
N THR A 108 0.02 -5.02 18.93
CA THR A 108 -1.24 -5.14 19.66
C THR A 108 -2.40 -4.66 18.79
N SER A 109 -3.58 -5.23 19.07
CA SER A 109 -4.84 -4.85 18.42
C SER A 109 -6.01 -5.14 19.36
N ARG A 110 -7.10 -4.39 19.17
CA ARG A 110 -8.36 -4.71 19.84
C ARG A 110 -9.37 -5.42 18.93
N ASN A 111 -9.00 -5.62 17.66
CA ASN A 111 -9.89 -6.24 16.69
C ASN A 111 -9.68 -7.75 16.63
N SER A 112 -10.76 -8.50 16.86
CA SER A 112 -10.72 -9.96 16.84
C SER A 112 -10.21 -10.54 15.51
N ASP A 113 -10.47 -9.84 14.40
CA ASP A 113 -10.00 -10.27 13.06
C ASP A 113 -8.48 -10.44 12.97
N ASP A 114 -7.73 -9.66 13.73
CA ASP A 114 -6.26 -9.76 13.77
C ASP A 114 -5.72 -10.96 14.58
N TYR A 115 -6.61 -11.79 15.11
CA TYR A 115 -6.25 -12.93 15.94
C TYR A 115 -6.67 -14.26 15.33
N GLY A 116 -5.90 -15.30 15.68
CA GLY A 116 -6.17 -16.67 15.24
C GLY A 116 -5.87 -17.64 16.35
N HIS A 117 -6.25 -18.89 16.14
CA HIS A 117 -5.99 -19.99 17.08
C HIS A 117 -6.66 -19.76 18.43
N TRP A 118 -7.96 -19.50 18.35
CA TRP A 118 -8.77 -19.23 19.52
C TRP A 118 -8.98 -20.53 20.27
N GLY A 119 -8.86 -20.47 21.61
CA GLY A 119 -9.14 -21.62 22.45
C GLY A 119 -10.63 -21.95 22.55
N GLN A 120 -10.92 -23.05 23.24
CA GLN A 120 -12.31 -23.46 23.51
C GLN A 120 -13.05 -22.44 24.36
N GLY A 121 -12.36 -21.97 25.39
CA GLY A 121 -12.87 -20.93 26.28
C GLY A 121 -13.10 -21.49 27.67
N THR A 122 -12.90 -20.64 28.68
CA THR A 122 -13.19 -20.99 30.07
C THR A 122 -14.29 -20.04 30.57
N GLN A 123 -15.26 -20.61 31.30
CA GLN A 123 -16.45 -19.86 31.74
C GLN A 123 -16.20 -19.28 33.13
N VAL A 124 -16.48 -17.98 33.27
CA VAL A 124 -16.33 -17.24 34.52
C VAL A 124 -17.70 -16.68 34.85
N THR A 125 -18.20 -17.02 36.04
CA THR A 125 -19.52 -16.57 36.50
C THR A 125 -19.36 -15.83 37.83
N VAL A 126 -19.78 -14.57 37.84
CA VAL A 126 -19.70 -13.74 39.03
C VAL A 126 -21.13 -13.53 39.53
N SER A 127 -21.41 -14.03 40.73
CA SER A 127 -22.75 -13.97 41.33
C SER A 127 -22.86 -12.80 42.31
N SER A 128 -24.10 -12.35 42.51
CA SER A 128 -24.42 -11.29 43.48
C SER A 128 -25.68 -11.65 44.28
N GLN B 7 -6.49 18.48 26.50
CA GLN B 7 -5.29 18.61 27.40
C GLN B 7 -3.92 18.79 26.70
N TYR B 8 -3.75 18.27 25.49
CA TYR B 8 -2.55 18.55 24.67
C TYR B 8 -2.75 19.73 23.73
N PRO B 9 -1.69 20.52 23.49
CA PRO B 9 -1.79 21.60 22.50
C PRO B 9 -2.06 21.10 21.07
N ILE B 10 -3.06 21.68 20.42
CA ILE B 10 -3.39 21.35 19.02
C ILE B 10 -2.98 22.49 18.06
N ILE B 11 -2.33 22.10 16.97
CA ILE B 11 -1.96 23.00 15.87
C ILE B 11 -2.67 22.47 14.63
N ASN B 12 -3.18 23.38 13.82
CA ASN B 12 -3.86 23.03 12.57
C ASN B 12 -3.03 23.36 11.33
N PHE B 13 -3.20 22.56 10.30
CA PHE B 13 -2.68 22.89 8.98
C PHE B 13 -3.50 22.18 7.93
N THR B 14 -3.78 22.89 6.84
CA THR B 14 -4.50 22.31 5.70
C THR B 14 -3.69 22.49 4.43
N THR B 15 -3.72 21.46 3.58
CA THR B 15 -3.09 21.53 2.26
C THR B 15 -3.97 22.28 1.24
N ALA B 16 -5.26 22.39 1.54
CA ALA B 16 -6.21 23.11 0.71
C ALA B 16 -5.92 24.62 0.66
N GLY B 17 -5.53 25.11 -0.51
CA GLY B 17 -5.14 26.51 -0.69
C GLY B 17 -3.83 26.84 0.02
N ALA B 18 -3.00 25.83 0.24
CA ALA B 18 -1.77 25.98 1.00
C ALA B 18 -0.79 26.84 0.25
N THR B 19 -0.05 27.63 1.00
CA THR B 19 0.94 28.54 0.44
C THR B 19 2.28 28.29 1.14
N VAL B 20 3.31 29.01 0.69
CA VAL B 20 4.62 28.95 1.35
C VAL B 20 4.55 29.60 2.74
N GLN B 21 3.70 30.62 2.88
CA GLN B 21 3.50 31.29 4.16
C GLN B 21 2.80 30.38 5.18
N SER B 22 1.62 29.88 4.83
CA SER B 22 0.82 29.02 5.71
C SER B 22 1.59 27.78 6.18
N TYR B 23 2.40 27.22 5.29
CA TYR B 23 3.30 26.11 5.62
C TYR B 23 4.40 26.57 6.57
N THR B 24 5.08 27.68 6.24
CA THR B 24 6.15 28.23 7.09
C THR B 24 5.64 28.59 8.50
N ASN B 25 4.47 29.23 8.58
CA ASN B 25 3.85 29.56 9.88
C ASN B 25 3.51 28.32 10.70
N PHE B 26 3.05 27.28 10.01
CA PHE B 26 2.73 25.99 10.59
C PHE B 26 3.96 25.34 11.23
N ILE B 27 5.04 25.24 10.47
CA ILE B 27 6.29 24.67 10.98
C ILE B 27 6.88 25.54 12.12
N ARG B 28 6.68 26.85 12.03
CA ARG B 28 7.09 27.78 13.07
C ARG B 28 6.32 27.53 14.37
N ALA B 29 5.02 27.27 14.24
CA ALA B 29 4.15 26.94 15.38
C ALA B 29 4.56 25.62 16.05
N VAL B 30 4.87 24.61 15.24
CA VAL B 30 5.36 23.33 15.75
C VAL B 30 6.70 23.53 16.46
N ARG B 31 7.63 24.20 15.80
CA ARG B 31 8.97 24.46 16.35
C ARG B 31 8.91 25.23 17.67
N GLY B 32 7.97 26.17 17.79
CA GLY B 32 7.79 26.95 19.01
C GLY B 32 7.34 26.19 20.24
N ARG B 33 6.95 24.93 20.07
CA ARG B 33 6.53 24.04 21.16
C ARG B 33 7.56 22.97 21.54
N LEU B 34 8.63 22.84 20.75
CA LEU B 34 9.67 21.87 21.05
C LEU B 34 10.44 22.30 22.30
N THR B 35 10.77 21.35 23.15
CA THR B 35 11.42 21.66 24.42
C THR B 35 12.92 21.86 24.25
N VAL B 36 13.45 22.83 25.01
CA VAL B 36 14.85 23.25 24.94
C VAL B 36 15.61 22.98 26.26
N LEU B 37 14.91 23.01 27.39
CA LEU B 37 15.48 22.59 28.66
C LEU B 37 15.87 21.11 28.64
N PRO B 38 16.92 20.73 29.39
CA PRO B 38 17.37 19.34 29.31
C PRO B 38 16.24 18.38 29.67
N ASN B 39 15.94 17.48 28.74
CA ASN B 39 14.83 16.55 28.90
C ASN B 39 14.95 15.85 30.26
N ARG B 40 14.00 16.15 31.15
CA ARG B 40 13.90 15.47 32.46
C ARG B 40 13.12 14.18 32.28
N VAL B 41 13.16 13.36 33.32
CA VAL B 41 12.39 12.11 33.37
C VAL B 41 11.23 12.28 34.36
N GLY B 42 10.13 11.58 34.09
CA GLY B 42 8.93 11.64 34.91
C GLY B 42 8.19 12.97 34.81
N LEU B 43 8.18 13.54 33.60
CA LEU B 43 7.55 14.84 33.36
C LEU B 43 6.02 14.74 33.31
N PRO B 44 5.32 15.85 33.60
CA PRO B 44 3.86 15.90 33.41
C PRO B 44 3.45 15.38 32.01
N ILE B 45 2.53 14.42 32.00
CA ILE B 45 2.11 13.72 30.77
C ILE B 45 1.47 14.69 29.76
N ASN B 46 0.73 15.68 30.28
CA ASN B 46 0.07 16.71 29.45
C ASN B 46 0.96 17.56 28.52
N GLN B 47 2.25 17.64 28.84
CA GLN B 47 3.22 18.45 28.09
C GLN B 47 4.34 17.59 27.48
N ARG B 48 4.01 16.32 27.21
CA ARG B 48 4.88 15.37 26.52
C ARG B 48 4.65 15.32 25.02
N PHE B 49 3.44 15.68 24.58
CA PHE B 49 3.02 15.51 23.20
C PHE B 49 2.35 16.76 22.65
N ILE B 50 2.58 17.05 21.37
CA ILE B 50 1.73 18.01 20.66
C ILE B 50 0.93 17.30 19.58
N LEU B 51 -0.28 17.79 19.36
CA LEU B 51 -1.19 17.23 18.37
C LEU B 51 -1.25 18.13 17.13
N VAL B 52 -1.06 17.53 15.97
CA VAL B 52 -1.09 18.24 14.69
C VAL B 52 -2.27 17.70 13.89
N GLU B 53 -3.30 18.53 13.74
CA GLU B 53 -4.50 18.15 13.00
C GLU B 53 -4.36 18.58 11.52
N LEU B 54 -4.08 17.59 10.67
CA LEU B 54 -3.87 17.81 9.23
C LEU B 54 -5.16 17.58 8.45
N SER B 55 -5.43 18.47 7.49
CA SER B 55 -6.56 18.36 6.58
C SER B 55 -6.13 18.60 5.14
N ASN B 56 -6.95 18.16 4.21
CA ASN B 56 -6.64 18.30 2.77
C ASN B 56 -7.84 18.72 1.93
N HIS B 57 -7.60 18.91 0.62
CA HIS B 57 -8.65 19.20 -0.38
C HIS B 57 -9.78 18.19 -0.33
N ALA B 58 -9.40 16.92 -0.24
CA ALA B 58 -10.35 15.80 -0.20
C ALA B 58 -11.28 15.76 1.03
N GLU B 59 -11.22 16.78 1.90
CA GLU B 59 -12.08 16.92 3.07
C GLU B 59 -11.79 15.89 4.18
N LEU B 60 -10.63 15.24 4.09
CA LEU B 60 -10.24 14.23 5.06
C LEU B 60 -9.36 14.87 6.11
N SER B 61 -9.30 14.24 7.27
CA SER B 61 -8.60 14.81 8.42
C SER B 61 -8.01 13.73 9.30
N VAL B 62 -6.74 13.89 9.67
CA VAL B 62 -6.04 13.02 10.62
C VAL B 62 -5.27 13.86 11.62
N THR B 63 -5.01 13.29 12.80
CA THR B 63 -4.28 13.97 13.86
C THR B 63 -3.01 13.21 14.22
N LEU B 64 -1.86 13.81 13.96
CA LEU B 64 -0.57 13.24 14.32
C LEU B 64 -0.21 13.58 15.77
N ALA B 65 0.50 12.67 16.43
CA ALA B 65 1.01 12.89 17.78
C ALA B 65 2.52 13.03 17.68
N LEU B 66 3.03 14.20 18.08
CA LEU B 66 4.48 14.46 18.03
C LEU B 66 5.07 14.53 19.43
N ASP B 67 6.28 14.00 19.56
CA ASP B 67 7.06 14.09 20.79
C ASP B 67 7.67 15.49 20.88
N VAL B 68 7.46 16.18 22.01
CA VAL B 68 8.01 17.54 22.21
C VAL B 68 9.53 17.60 22.26
N THR B 69 10.16 16.50 22.66
CA THR B 69 11.61 16.44 22.79
C THR B 69 12.32 16.47 21.44
N ASN B 70 11.80 15.72 20.48
CA ASN B 70 12.44 15.59 19.15
C ASN B 70 11.57 15.88 17.93
N ALA B 71 10.30 16.26 18.14
CA ALA B 71 9.33 16.53 17.06
C ALA B 71 8.93 15.34 16.19
N TYR B 72 9.27 14.12 16.60
CA TYR B 72 8.98 12.94 15.78
C TYR B 72 7.57 12.41 16.04
N VAL B 73 7.01 11.77 15.02
CA VAL B 73 5.66 11.22 15.07
C VAL B 73 5.68 9.93 15.88
N VAL B 74 4.90 9.90 16.96
CA VAL B 74 4.74 8.67 17.78
C VAL B 74 3.53 7.84 17.33
N GLY B 75 2.59 8.48 16.67
CA GLY B 75 1.41 7.82 16.17
C GLY B 75 0.41 8.81 15.62
N TYR B 76 -0.79 8.32 15.32
CA TYR B 76 -1.85 9.20 14.82
C TYR B 76 -3.26 8.67 15.03
N ARG B 77 -4.22 9.56 14.82
CA ARG B 77 -5.65 9.26 14.93
C ARG B 77 -6.31 9.52 13.59
N ALA B 78 -7.12 8.55 13.16
CA ALA B 78 -7.97 8.68 11.99
C ALA B 78 -9.36 8.19 12.38
N GLY B 79 -10.29 9.14 12.45
CA GLY B 79 -11.67 8.85 12.83
C GLY B 79 -11.73 8.22 14.22
N ASN B 80 -12.24 6.98 14.24
CA ASN B 80 -12.43 6.22 15.47
C ASN B 80 -11.33 5.18 15.70
N SER B 81 -10.17 5.37 15.07
CA SER B 81 -9.04 4.45 15.17
C SER B 81 -7.75 5.24 15.46
N ALA B 82 -6.84 4.62 16.19
CA ALA B 82 -5.54 5.22 16.51
C ALA B 82 -4.43 4.18 16.35
N TYR B 83 -3.29 4.64 15.86
CA TYR B 83 -2.16 3.79 15.51
C TYR B 83 -0.89 4.40 16.04
N PHE B 84 -0.11 3.60 16.74
CA PHE B 84 1.14 4.03 17.35
C PHE B 84 2.29 3.12 16.88
N PHE B 85 3.45 3.72 16.66
CA PHE B 85 4.66 2.94 16.45
C PHE B 85 4.98 2.25 17.76
N HIS B 86 5.68 1.13 17.68
CA HIS B 86 6.20 0.46 18.87
C HIS B 86 7.19 1.45 19.50
N PRO B 87 6.99 1.79 20.78
CA PRO B 87 7.93 2.68 21.47
C PRO B 87 9.24 1.98 21.79
N ASP B 88 10.27 2.76 22.10
CA ASP B 88 11.60 2.23 22.40
C ASP B 88 11.75 1.71 23.83
N ASN B 89 11.03 2.31 24.77
CA ASN B 89 11.19 1.99 26.20
C ASN B 89 9.87 2.01 26.97
N GLN B 90 9.92 1.50 28.20
CA GLN B 90 8.74 1.39 29.07
C GLN B 90 8.06 2.72 29.39
N GLU B 91 8.87 3.76 29.57
CA GLU B 91 8.35 5.08 29.90
C GLU B 91 7.54 5.63 28.73
N ASP B 92 8.14 5.60 27.55
CA ASP B 92 7.45 5.96 26.30
C ASP B 92 6.20 5.12 26.08
N ALA B 93 6.30 3.83 26.37
CA ALA B 93 5.18 2.89 26.20
C ALA B 93 3.99 3.25 27.09
N GLU B 94 4.26 3.45 28.37
CA GLU B 94 3.24 3.94 29.32
C GLU B 94 2.69 5.31 28.90
N ALA B 95 3.56 6.20 28.41
CA ALA B 95 3.18 7.56 28.05
C ALA B 95 2.15 7.62 26.92
N ILE B 96 2.38 6.83 25.87
CA ILE B 96 1.47 6.80 24.70
C ILE B 96 0.09 6.19 24.95
N THR B 97 -0.09 5.48 26.07
CA THR B 97 -1.44 5.06 26.52
C THR B 97 -2.36 6.23 26.94
N HIS B 98 -1.81 7.43 27.09
CA HIS B 98 -2.59 8.65 27.35
C HIS B 98 -2.98 9.46 26.10
N LEU B 99 -2.61 8.99 24.91
CA LEU B 99 -2.99 9.63 23.65
C LEU B 99 -4.23 8.97 23.05
N PHE B 100 -5.13 9.81 22.52
CA PHE B 100 -6.37 9.37 21.85
C PHE B 100 -7.10 8.29 22.65
N THR B 101 -7.31 8.56 23.94
CA THR B 101 -7.77 7.53 24.89
C THR B 101 -9.22 7.10 24.74
N ASP B 102 -10.03 7.87 24.01
CA ASP B 102 -11.43 7.53 23.78
C ASP B 102 -11.71 6.82 22.44
N VAL B 103 -10.64 6.52 21.71
CA VAL B 103 -10.73 5.76 20.46
C VAL B 103 -11.11 4.31 20.76
N GLN B 104 -12.02 3.75 19.96
CA GLN B 104 -12.44 2.35 20.11
C GLN B 104 -11.43 1.36 19.55
N ASN B 105 -10.93 1.63 18.34
CA ASN B 105 -9.96 0.76 17.66
C ASN B 105 -8.54 1.24 17.91
N ARG B 106 -7.75 0.45 18.62
CA ARG B 106 -6.43 0.89 19.05
C ARG B 106 -5.37 -0.14 18.68
N TYR B 107 -4.34 0.31 17.96
CA TYR B 107 -3.28 -0.55 17.43
C TYR B 107 -1.91 0.02 17.76
N THR B 108 -0.99 -0.88 18.12
CA THR B 108 0.42 -0.58 18.14
C THR B 108 1.06 -1.43 17.06
N PHE B 109 1.77 -0.79 16.14
CA PHE B 109 2.51 -1.49 15.08
C PHE B 109 3.62 -2.37 15.65
N ALA B 110 4.00 -3.39 14.89
CA ALA B 110 5.08 -4.31 15.29
C ALA B 110 6.49 -3.80 14.97
N PHE B 111 6.61 -2.49 14.76
CA PHE B 111 7.85 -1.85 14.38
C PHE B 111 7.88 -0.40 14.89
N GLY B 112 9.08 0.11 15.12
CA GLY B 112 9.28 1.50 15.47
C GLY B 112 9.16 2.42 14.26
N GLY B 113 9.07 3.72 14.53
CA GLY B 113 8.86 4.73 13.47
C GLY B 113 10.13 5.35 12.88
N ASN B 114 11.23 4.61 12.88
CA ASN B 114 12.50 5.12 12.35
C ASN B 114 12.64 4.84 10.85
N TYR B 115 13.50 5.63 10.20
CA TYR B 115 13.63 5.65 8.72
C TYR B 115 14.00 4.32 8.10
N ASP B 116 15.02 3.66 8.65
CA ASP B 116 15.49 2.35 8.17
C ASP B 116 14.35 1.35 7.98
N ARG B 117 13.45 1.35 8.95
CA ARG B 117 12.28 0.48 8.97
C ARG B 117 11.21 0.95 7.99
N LEU B 118 10.88 2.25 8.00
CA LEU B 118 9.87 2.79 7.08
C LEU B 118 10.29 2.67 5.61
N GLU B 119 11.58 2.84 5.34
CA GLU B 119 12.12 2.69 3.98
C GLU B 119 12.04 1.26 3.47
N GLN B 120 12.41 0.32 4.34
CA GLN B 120 12.23 -1.12 4.13
C GLN B 120 10.77 -1.49 3.80
N LEU B 121 9.83 -0.85 4.47
CA LEU B 121 8.40 -1.09 4.28
C LEU B 121 7.87 -0.47 2.99
N ALA B 122 8.25 0.78 2.71
CA ALA B 122 7.80 1.48 1.50
C ALA B 122 8.44 0.93 0.22
N GLY B 123 9.55 0.21 0.37
CA GLY B 123 10.27 -0.33 -0.78
C GLY B 123 11.04 0.73 -1.55
N ASN B 124 11.38 1.82 -0.87
CA ASN B 124 12.15 2.92 -1.46
C ASN B 124 12.90 3.70 -0.39
N LEU B 125 13.86 4.51 -0.82
CA LEU B 125 14.64 5.39 0.08
C LEU B 125 14.04 6.81 0.19
N ARG B 126 14.26 7.45 1.34
CA ARG B 126 13.88 8.86 1.62
C ARG B 126 14.10 9.83 0.47
N GLU B 127 15.36 9.88 0.02
CA GLU B 127 15.82 10.74 -1.07
C GLU B 127 15.01 10.65 -2.39
N ASN B 128 14.45 9.47 -2.65
CA ASN B 128 13.61 9.21 -3.82
C ASN B 128 12.13 9.53 -3.65
N ILE B 129 11.71 9.72 -2.40
CA ILE B 129 10.32 10.04 -2.09
C ILE B 129 10.07 11.54 -2.25
N GLU B 130 9.32 11.87 -3.29
CA GLU B 130 8.93 13.23 -3.63
C GLU B 130 8.19 13.89 -2.46
N LEU B 131 8.67 15.06 -2.05
CA LEU B 131 8.03 15.87 -1.02
C LEU B 131 7.36 17.09 -1.64
N GLY B 132 6.52 17.74 -0.85
CA GLY B 132 5.76 18.91 -1.30
C GLY B 132 4.31 18.86 -0.90
N ASN B 133 3.56 19.91 -1.25
CA ASN B 133 2.15 20.00 -0.89
C ASN B 133 1.27 18.92 -1.54
N GLY B 134 1.61 18.56 -2.77
CA GLY B 134 0.92 17.50 -3.50
C GLY B 134 1.07 16.12 -2.89
N PRO B 135 2.32 15.70 -2.57
CA PRO B 135 2.55 14.46 -1.83
C PRO B 135 1.95 14.41 -0.43
N LEU B 136 2.00 15.53 0.29
CA LEU B 136 1.38 15.64 1.62
C LEU B 136 -0.15 15.50 1.56
N GLU B 137 -0.74 16.05 0.50
CA GLU B 137 -2.15 15.83 0.17
C GLU B 137 -2.48 14.34 0.13
N GLU B 138 -1.78 13.61 -0.72
CA GLU B 138 -1.97 12.16 -0.87
C GLU B 138 -1.64 11.39 0.41
N ALA B 139 -0.58 11.81 1.11
CA ALA B 139 -0.19 11.21 2.38
C ALA B 139 -1.31 11.25 3.44
N ILE B 140 -1.99 12.40 3.53
CA ILE B 140 -3.11 12.58 4.48
C ILE B 140 -4.30 11.64 4.19
N SER B 141 -4.66 11.50 2.91
CA SER B 141 -5.68 10.53 2.49
C SER B 141 -5.25 9.10 2.81
N ALA B 142 -4.01 8.76 2.45
CA ALA B 142 -3.45 7.42 2.67
C ALA B 142 -3.50 7.02 4.15
N LEU B 143 -3.15 7.97 5.02
CA LEU B 143 -3.24 7.76 6.47
C LEU B 143 -4.68 7.60 6.94
N TYR B 144 -5.58 8.40 6.38
CA TYR B 144 -6.99 8.30 6.73
C TYR B 144 -7.56 6.95 6.30
N TYR B 145 -7.44 6.66 5.00
CA TYR B 145 -8.03 5.45 4.43
C TYR B 145 -7.39 4.15 4.86
N TYR B 146 -6.25 4.23 5.55
CA TYR B 146 -5.71 3.07 6.26
C TYR B 146 -6.68 2.54 7.33
N SER B 147 -7.42 3.44 7.98
CA SER B 147 -8.41 3.05 9.00
C SER B 147 -9.64 2.31 8.45
N THR B 148 -9.86 2.37 7.14
CA THR B 148 -10.97 1.69 6.48
C THR B 148 -10.52 0.52 5.59
N GLY B 149 -9.26 0.11 5.72
CA GLY B 149 -8.70 -1.01 4.94
C GLY B 149 -8.25 -0.68 3.53
N GLY B 150 -8.33 0.60 3.16
CA GLY B 150 -8.01 1.04 1.81
C GLY B 150 -6.52 1.13 1.49
N THR B 151 -5.74 1.56 2.47
CA THR B 151 -4.32 1.81 2.27
C THR B 151 -3.51 0.57 2.62
N GLN B 152 -2.58 0.22 1.73
CA GLN B 152 -1.67 -0.89 1.94
C GLN B 152 -0.44 -0.38 2.66
N LEU B 153 0.23 -1.30 3.35
CA LEU B 153 1.31 -0.96 4.26
C LEU B 153 2.49 -0.19 3.64
N PRO B 154 2.90 -0.54 2.39
CA PRO B 154 3.99 0.24 1.77
C PRO B 154 3.64 1.71 1.50
N THR B 155 2.41 1.94 1.06
CA THR B 155 1.89 3.31 0.88
C THR B 155 1.74 4.05 2.20
N LEU B 156 1.36 3.32 3.27
CA LEU B 156 1.30 3.89 4.61
C LEU B 156 2.69 4.30 5.09
N ALA B 157 3.62 3.35 5.05
CA ALA B 157 5.02 3.60 5.41
C ALA B 157 5.59 4.79 4.65
N ARG B 158 5.29 4.85 3.35
CA ARG B 158 5.70 5.97 2.50
C ARG B 158 5.08 7.30 2.95
N SER B 159 3.80 7.26 3.29
CA SER B 159 3.09 8.45 3.77
C SER B 159 3.61 8.98 5.10
N PHE B 160 4.07 8.08 5.97
CA PHE B 160 4.76 8.47 7.22
C PHE B 160 6.05 9.25 6.93
N ILE B 161 6.86 8.73 6.02
CA ILE B 161 8.11 9.40 5.63
C ILE B 161 7.83 10.83 5.13
N ILE B 162 6.80 11.00 4.30
CA ILE B 162 6.42 12.33 3.81
C ILE B 162 6.06 13.27 4.98
N CYS B 163 5.29 12.75 5.93
CA CYS B 163 4.88 13.52 7.10
C CYS B 163 6.06 13.87 7.99
N ILE B 164 6.87 12.87 8.31
CA ILE B 164 8.04 13.04 9.18
C ILE B 164 9.03 14.05 8.58
N GLN B 165 9.35 13.89 7.30
CA GLN B 165 10.27 14.81 6.61
C GLN B 165 9.74 16.23 6.50
N MET B 166 8.49 16.39 6.08
CA MET B 166 7.88 17.72 5.91
C MET B 166 7.47 18.42 7.20
N ILE B 167 7.33 17.68 8.30
CA ILE B 167 6.88 18.24 9.57
C ILE B 167 7.98 18.12 10.63
N SER B 168 8.36 16.89 10.97
CA SER B 168 9.33 16.65 12.05
C SER B 168 10.68 17.26 11.69
N GLU B 169 11.23 16.85 10.54
CA GLU B 169 12.52 17.40 10.08
C GLU B 169 12.46 18.91 9.85
N ALA B 170 11.35 19.39 9.29
CA ALA B 170 11.18 20.82 9.00
C ALA B 170 11.16 21.67 10.27
N ALA B 171 10.51 21.18 11.32
CA ALA B 171 10.51 21.83 12.63
C ALA B 171 11.83 21.68 13.38
N ARG B 172 12.49 20.54 13.21
CA ARG B 172 13.75 20.25 13.91
C ARG B 172 14.95 21.14 13.53
N PHE B 173 14.88 21.86 12.41
CA PHE B 173 15.97 22.78 12.04
C PHE B 173 15.52 24.08 11.33
N VAL C 4 -16.05 5.94 -1.40
CA VAL C 4 -16.48 4.78 -2.27
C VAL C 4 -16.48 3.50 -1.45
N GLN C 5 -17.51 2.69 -1.63
CA GLN C 5 -17.65 1.40 -0.96
C GLN C 5 -17.64 0.30 -2.01
N LEU C 6 -16.67 -0.60 -1.94
CA LEU C 6 -16.61 -1.74 -2.84
C LEU C 6 -17.05 -2.99 -2.11
N VAL C 7 -17.94 -3.75 -2.76
CA VAL C 7 -18.47 -4.99 -2.21
C VAL C 7 -18.33 -6.08 -3.25
N GLU C 8 -17.67 -7.18 -2.87
CA GLU C 8 -17.52 -8.34 -3.75
C GLU C 8 -18.60 -9.36 -3.46
N SER C 9 -19.15 -9.95 -4.51
CA SER C 9 -20.10 -11.05 -4.40
C SER C 9 -19.91 -12.01 -5.56
N GLY C 10 -20.62 -13.13 -5.50
CA GLY C 10 -20.58 -14.16 -6.55
C GLY C 10 -19.66 -15.34 -6.29
N GLY C 11 -18.95 -15.31 -5.16
CA GLY C 11 -18.07 -16.41 -4.77
C GLY C 11 -18.84 -17.68 -4.46
N GLY C 12 -18.11 -18.77 -4.32
CA GLY C 12 -18.73 -20.05 -4.03
C GLY C 12 -17.76 -21.20 -3.97
N LEU C 13 -18.33 -22.38 -3.78
CA LEU C 13 -17.59 -23.63 -3.71
C LEU C 13 -17.98 -24.52 -4.89
N VAL C 14 -17.01 -24.81 -5.75
CA VAL C 14 -17.23 -25.53 -7.00
C VAL C 14 -16.18 -26.61 -7.23
N GLN C 15 -16.44 -27.43 -8.25
CA GLN C 15 -15.47 -28.43 -8.73
C GLN C 15 -14.62 -27.87 -9.84
N ALA C 16 -13.45 -28.49 -10.03
CA ALA C 16 -12.56 -28.15 -11.15
C ALA C 16 -13.32 -28.27 -12.48
N GLY C 17 -13.14 -27.26 -13.33
CA GLY C 17 -13.76 -27.21 -14.66
C GLY C 17 -15.00 -26.36 -14.77
N ASP C 18 -15.61 -26.01 -13.63
CA ASP C 18 -16.83 -25.21 -13.60
C ASP C 18 -16.51 -23.73 -13.74
N SER C 19 -17.55 -22.94 -14.02
CA SER C 19 -17.46 -21.49 -14.17
C SER C 19 -17.97 -20.78 -12.93
N LEU C 20 -17.47 -19.56 -12.73
CA LEU C 20 -17.97 -18.63 -11.71
C LEU C 20 -17.91 -17.21 -12.28
N ARG C 21 -18.75 -16.34 -11.76
CA ARG C 21 -18.77 -14.94 -12.15
C ARG C 21 -18.84 -14.09 -10.90
N LEU C 22 -17.76 -13.35 -10.64
CA LEU C 22 -17.69 -12.46 -9.48
C LEU C 22 -18.12 -11.05 -9.87
N SER C 23 -18.65 -10.34 -8.87
CA SER C 23 -19.18 -9.00 -9.06
C SER C 23 -18.53 -8.08 -8.04
N CYS C 24 -17.98 -6.97 -8.53
CA CYS C 24 -17.46 -5.90 -7.68
C CYS C 24 -18.43 -4.73 -7.82
N THR C 25 -19.32 -4.60 -6.83
CA THR C 25 -20.35 -3.56 -6.82
C THR C 25 -19.90 -2.39 -5.95
N ALA C 26 -20.17 -1.18 -6.43
CA ALA C 26 -19.75 0.05 -5.75
C ALA C 26 -20.96 0.88 -5.33
N SER C 27 -20.84 1.54 -4.18
CA SER C 27 -21.79 2.57 -3.73
C SER C 27 -21.04 3.78 -3.17
N GLY C 28 -21.61 4.96 -3.36
CA GLY C 28 -21.02 6.22 -2.88
C GLY C 28 -20.21 7.05 -3.88
N ARG C 29 -19.89 6.42 -5.03
CA ARG C 29 -19.35 7.10 -6.22
C ARG C 29 -19.65 6.22 -7.44
N THR C 30 -19.63 6.81 -8.63
CA THR C 30 -19.77 6.03 -9.87
C THR C 30 -18.44 5.29 -10.12
N LEU C 31 -18.53 3.97 -10.28
CA LEU C 31 -17.37 3.09 -10.46
C LEU C 31 -16.69 3.30 -11.83
N GLY C 32 -17.46 3.79 -12.79
CA GLY C 32 -16.93 4.23 -14.10
C GLY C 32 -15.83 5.30 -14.04
N ASP C 33 -15.80 6.05 -12.95
CA ASP C 33 -14.72 7.03 -12.69
C ASP C 33 -13.41 6.42 -12.11
N TYR C 34 -13.28 5.09 -12.12
CA TYR C 34 -12.08 4.41 -11.61
C TYR C 34 -11.58 3.33 -12.54
N GLY C 35 -10.30 2.99 -12.39
CA GLY C 35 -9.76 1.74 -12.90
C GLY C 35 -9.90 0.70 -11.81
N VAL C 36 -10.47 -0.45 -12.14
CA VAL C 36 -10.83 -1.46 -11.16
C VAL C 36 -10.03 -2.72 -11.41
N ALA C 37 -9.44 -3.26 -10.36
CA ALA C 37 -8.65 -4.48 -10.45
C ALA C 37 -9.14 -5.52 -9.47
N TRP C 38 -8.95 -6.79 -9.85
CA TRP C 38 -9.17 -7.93 -8.97
C TRP C 38 -7.82 -8.45 -8.50
N PHE C 39 -7.76 -8.79 -7.22
CA PHE C 39 -6.62 -9.46 -6.62
C PHE C 39 -7.16 -10.65 -5.87
N ARG C 40 -6.27 -11.54 -5.47
CA ARG C 40 -6.65 -12.71 -4.68
C ARG C 40 -5.55 -13.08 -3.71
N GLN C 41 -5.96 -13.69 -2.60
CA GLN C 41 -5.05 -14.11 -1.56
C GLN C 41 -5.51 -15.40 -0.90
N ALA C 42 -4.58 -16.35 -0.79
CA ALA C 42 -4.77 -17.60 -0.09
C ALA C 42 -3.95 -17.60 1.22
N PRO C 43 -4.28 -18.49 2.18
CA PRO C 43 -3.57 -18.51 3.46
C PRO C 43 -2.05 -18.72 3.33
N GLY C 44 -1.30 -17.91 4.08
CA GLY C 44 0.17 -17.97 4.08
C GLY C 44 0.81 -17.63 2.74
N LYS C 45 0.15 -16.77 1.96
CA LYS C 45 0.61 -16.40 0.63
C LYS C 45 0.42 -14.91 0.34
N GLU C 46 1.12 -14.45 -0.69
CA GLU C 46 1.08 -13.06 -1.13
C GLU C 46 -0.27 -12.73 -1.77
N ARG C 47 -0.64 -11.45 -1.70
CA ARG C 47 -1.85 -10.94 -2.36
C ARG C 47 -1.55 -10.75 -3.86
N GLU C 48 -1.88 -11.78 -4.65
CA GLU C 48 -1.55 -11.81 -6.08
C GLU C 48 -2.42 -10.86 -6.89
N PHE C 49 -1.86 -10.31 -7.95
CA PHE C 49 -2.62 -9.65 -9.01
C PHE C 49 -3.36 -10.70 -9.84
N VAL C 50 -4.60 -10.40 -10.20
CA VAL C 50 -5.41 -11.26 -11.07
C VAL C 50 -5.74 -10.57 -12.40
N SER C 51 -6.42 -9.43 -12.33
CA SER C 51 -6.88 -8.73 -13.54
C SER C 51 -7.24 -7.27 -13.25
N VAL C 52 -7.16 -6.43 -14.27
CA VAL C 52 -7.52 -5.00 -14.16
C VAL C 52 -8.16 -4.48 -15.46
N ILE C 53 -9.10 -3.55 -15.29
CA ILE C 53 -9.70 -2.78 -16.38
C ILE C 53 -9.51 -1.29 -16.09
N SER C 54 -9.10 -0.53 -17.11
CA SER C 54 -8.86 0.91 -16.95
C SER C 54 -10.16 1.70 -16.92
N ARG C 55 -10.08 2.91 -16.35
CA ARG C 55 -11.16 3.89 -16.37
C ARG C 55 -11.67 4.14 -17.80
N SER C 56 -10.75 4.25 -18.74
CA SER C 56 -11.07 4.38 -20.17
C SER C 56 -11.68 3.12 -20.82
N THR C 57 -11.56 1.98 -20.15
CA THR C 57 -12.17 0.69 -20.56
C THR C 57 -11.52 -0.03 -21.75
N ILE C 58 -10.46 0.53 -22.33
CA ILE C 58 -9.79 -0.11 -23.48
C ILE C 58 -8.55 -0.93 -23.10
N ILE C 59 -7.98 -0.67 -21.92
CA ILE C 59 -6.85 -1.45 -21.42
C ILE C 59 -7.35 -2.47 -20.41
N THR C 60 -7.04 -3.73 -20.70
CA THR C 60 -7.16 -4.83 -19.74
C THR C 60 -5.83 -5.52 -19.57
N ASP C 61 -5.70 -6.26 -18.48
CA ASP C 61 -4.47 -6.97 -18.14
C ASP C 61 -4.81 -8.14 -17.22
N TYR C 62 -4.06 -9.22 -17.35
CA TYR C 62 -4.29 -10.46 -16.60
C TYR C 62 -2.96 -11.03 -16.15
N ALA C 63 -2.98 -11.71 -15.01
CA ALA C 63 -1.86 -12.52 -14.57
C ALA C 63 -1.70 -13.72 -15.51
N ASP C 64 -0.47 -14.19 -15.66
CA ASP C 64 -0.18 -15.28 -16.61
C ASP C 64 -1.02 -16.52 -16.33
N SER C 65 -1.15 -16.87 -15.04
CA SER C 65 -1.88 -18.07 -14.62
C SER C 65 -3.38 -18.08 -14.90
N VAL C 66 -3.97 -16.93 -15.21
CA VAL C 66 -5.40 -16.83 -15.56
C VAL C 66 -5.71 -16.44 -17.02
N ARG C 67 -4.68 -16.12 -17.80
CA ARG C 67 -4.87 -15.70 -19.19
C ARG C 67 -5.49 -16.82 -20.03
N GLY C 68 -6.48 -16.48 -20.84
CA GLY C 68 -7.26 -17.46 -21.60
C GLY C 68 -8.43 -18.09 -20.84
N ARG C 69 -8.43 -17.99 -19.51
CA ARG C 69 -9.50 -18.53 -18.65
C ARG C 69 -10.42 -17.47 -18.06
N PHE C 70 -9.84 -16.35 -17.60
CA PHE C 70 -10.59 -15.29 -16.93
C PHE C 70 -10.83 -14.13 -17.88
N SER C 71 -11.96 -13.46 -17.70
CA SER C 71 -12.38 -12.33 -18.54
C SER C 71 -12.93 -11.19 -17.68
N ILE C 72 -12.30 -10.02 -17.75
CA ILE C 72 -12.75 -8.83 -17.02
C ILE C 72 -13.66 -7.99 -17.91
N SER C 73 -14.68 -7.39 -17.30
CA SER C 73 -15.60 -6.53 -18.02
C SER C 73 -16.30 -5.58 -17.05
N ALA C 74 -16.92 -4.55 -17.61
CA ALA C 74 -17.57 -3.51 -16.81
C ALA C 74 -19.00 -3.21 -17.29
N ASP C 75 -19.80 -2.72 -16.35
CA ASP C 75 -21.16 -2.23 -16.63
C ASP C 75 -21.25 -0.97 -15.76
N SER C 76 -21.13 0.19 -16.41
CA SER C 76 -21.24 1.49 -15.73
C SER C 76 -22.67 1.81 -15.33
N ALA C 77 -23.63 1.34 -16.13
CA ALA C 77 -25.06 1.49 -15.84
C ALA C 77 -25.47 0.89 -14.48
N LYS C 78 -25.02 -0.32 -14.20
CA LYS C 78 -25.30 -1.02 -12.93
C LYS C 78 -24.27 -0.73 -11.84
N ASN C 79 -23.20 -0.02 -12.22
CA ASN C 79 -22.18 0.44 -11.30
C ASN C 79 -21.34 -0.75 -10.78
N THR C 80 -21.01 -1.65 -11.71
CA THR C 80 -20.39 -2.95 -11.39
C THR C 80 -19.29 -3.30 -12.39
N VAL C 81 -18.28 -4.02 -11.89
CA VAL C 81 -17.23 -4.64 -12.70
C VAL C 81 -17.28 -6.15 -12.44
N TYR C 82 -17.28 -6.94 -13.51
CA TYR C 82 -17.35 -8.40 -13.43
C TYR C 82 -16.01 -9.08 -13.66
N LEU C 83 -15.90 -10.29 -13.11
CA LEU C 83 -14.78 -11.19 -13.40
C LEU C 83 -15.34 -12.58 -13.70
N GLN C 84 -15.50 -12.87 -14.99
CA GLN C 84 -15.87 -14.20 -15.43
C GLN C 84 -14.65 -15.11 -15.24
N MET C 85 -14.86 -16.24 -14.57
CA MET C 85 -13.82 -17.24 -14.31
C MET C 85 -14.25 -18.59 -14.91
N ASN C 86 -13.54 -19.04 -15.94
CA ASN C 86 -13.82 -20.34 -16.57
C ASN C 86 -12.70 -21.33 -16.35
N SER C 87 -13.01 -22.60 -16.63
CA SER C 87 -12.06 -23.69 -16.47
C SER C 87 -11.34 -23.57 -15.14
N LEU C 88 -12.13 -23.36 -14.08
CA LEU C 88 -11.58 -23.20 -12.74
C LEU C 88 -10.78 -24.44 -12.35
N LYS C 89 -9.67 -24.19 -11.66
CA LYS C 89 -8.80 -25.26 -11.18
C LYS C 89 -8.50 -24.99 -9.69
N PRO C 90 -8.07 -26.03 -8.92
CA PRO C 90 -7.79 -25.89 -7.49
C PRO C 90 -6.84 -24.75 -7.08
N GLU C 91 -5.91 -24.42 -7.97
CA GLU C 91 -4.92 -23.34 -7.80
C GLU C 91 -5.59 -21.97 -7.63
N ASP C 92 -6.80 -21.81 -8.20
CA ASP C 92 -7.60 -20.60 -8.07
C ASP C 92 -8.23 -20.38 -6.68
N THR C 93 -8.21 -21.40 -5.83
CA THR C 93 -8.76 -21.29 -4.47
C THR C 93 -8.11 -20.15 -3.71
N ALA C 94 -8.92 -19.14 -3.37
CA ALA C 94 -8.48 -17.95 -2.63
C ALA C 94 -9.69 -17.06 -2.28
N VAL C 95 -9.42 -16.01 -1.51
CA VAL C 95 -10.37 -14.90 -1.31
C VAL C 95 -10.05 -13.86 -2.38
N TYR C 96 -11.06 -13.46 -3.13
CA TYR C 96 -10.92 -12.48 -4.20
C TYR C 96 -11.39 -11.10 -3.75
N TYR C 97 -10.50 -10.12 -3.90
CA TYR C 97 -10.79 -8.73 -3.57
C TYR C 97 -10.82 -7.92 -4.85
N CYS C 98 -11.59 -6.83 -4.82
CA CYS C 98 -11.50 -5.81 -5.86
C CYS C 98 -11.12 -4.48 -5.20
N ALA C 99 -10.49 -3.62 -6.00
CA ALA C 99 -9.99 -2.32 -5.53
C ALA C 99 -9.92 -1.34 -6.69
N VAL C 100 -9.80 -0.07 -6.35
CA VAL C 100 -9.69 0.99 -7.34
C VAL C 100 -8.25 1.48 -7.40
N ILE C 101 -7.78 1.74 -8.63
CA ILE C 101 -6.45 2.31 -8.86
C ILE C 101 -6.38 3.75 -8.29
N ALA C 102 -5.50 3.92 -7.30
CA ALA C 102 -5.36 5.17 -6.55
C ALA C 102 -4.07 5.95 -6.82
N ASN C 103 -3.17 5.40 -7.64
CA ASN C 103 -1.97 6.11 -8.07
C ASN C 103 -2.24 6.81 -9.40
N PRO C 104 -2.36 8.15 -9.38
CA PRO C 104 -2.79 8.90 -10.59
C PRO C 104 -1.81 8.90 -11.77
N VAL C 105 -0.60 8.36 -11.60
CA VAL C 105 0.32 8.20 -12.75
C VAL C 105 -0.10 7.07 -13.68
N TYR C 106 -0.76 6.03 -13.16
CA TYR C 106 -1.10 4.81 -13.96
C TYR C 106 -2.59 4.60 -14.27
N ALA C 107 -2.86 4.13 -15.48
CA ALA C 107 -4.19 3.64 -15.90
C ALA C 107 -4.38 2.19 -15.46
N THR C 108 -3.31 1.41 -15.54
CA THR C 108 -3.28 0.04 -15.00
C THR C 108 -1.96 -0.25 -14.30
N SER C 109 -2.02 -1.14 -13.32
CA SER C 109 -0.86 -1.61 -12.56
C SER C 109 -1.13 -3.03 -12.07
N ARG C 110 -0.05 -3.78 -11.84
CA ARG C 110 -0.14 -5.09 -11.18
C ARG C 110 0.27 -5.02 -9.71
N ASN C 111 0.67 -3.84 -9.24
CA ASN C 111 1.14 -3.67 -7.86
C ASN C 111 -0.02 -3.26 -6.97
N SER C 112 -0.26 -4.06 -5.93
CA SER C 112 -1.32 -3.78 -4.96
C SER C 112 -1.20 -2.42 -4.26
N ASP C 113 0.03 -1.92 -4.10
CA ASP C 113 0.29 -0.63 -3.44
C ASP C 113 -0.34 0.56 -4.20
N ASP C 114 -0.49 0.42 -5.51
CA ASP C 114 -1.15 1.43 -6.33
C ASP C 114 -2.69 1.47 -6.21
N TYR C 115 -3.27 0.63 -5.35
CA TYR C 115 -4.72 0.51 -5.20
C TYR C 115 -5.21 0.92 -3.80
N GLY C 116 -6.44 1.43 -3.77
CA GLY C 116 -7.13 1.84 -2.53
C GLY C 116 -8.58 1.37 -2.51
N HIS C 117 -9.22 1.57 -1.36
CA HIS C 117 -10.63 1.24 -1.13
C HIS C 117 -10.96 -0.23 -1.45
N TRP C 118 -10.24 -1.13 -0.80
CA TRP C 118 -10.42 -2.55 -1.02
C TRP C 118 -11.73 -3.00 -0.40
N GLY C 119 -12.43 -3.92 -1.06
CA GLY C 119 -13.61 -4.53 -0.48
C GLY C 119 -13.25 -5.57 0.57
N GLN C 120 -14.27 -6.07 1.26
CA GLN C 120 -14.09 -7.09 2.31
C GLN C 120 -13.64 -8.44 1.76
N GLY C 121 -14.11 -8.76 0.55
CA GLY C 121 -13.66 -9.93 -0.19
C GLY C 121 -14.73 -10.99 -0.28
N THR C 122 -14.73 -11.73 -1.38
CA THR C 122 -15.60 -12.88 -1.57
C THR C 122 -14.71 -14.08 -1.76
N GLN C 123 -15.17 -15.22 -1.24
CA GLN C 123 -14.37 -16.43 -1.18
C GLN C 123 -14.71 -17.35 -2.34
N VAL C 124 -13.68 -17.92 -2.96
CA VAL C 124 -13.83 -18.85 -4.07
C VAL C 124 -13.00 -20.10 -3.77
N THR C 125 -13.66 -21.25 -3.73
CA THR C 125 -13.01 -22.53 -3.46
C THR C 125 -13.28 -23.48 -4.62
N VAL C 126 -12.22 -24.12 -5.11
CA VAL C 126 -12.30 -25.08 -6.22
C VAL C 126 -11.69 -26.40 -5.78
N SER C 127 -12.49 -27.46 -5.78
CA SER C 127 -12.05 -28.78 -5.31
C SER C 127 -11.61 -29.68 -6.46
N SER C 128 -10.71 -30.61 -6.14
CA SER C 128 -10.18 -31.61 -7.08
C SER C 128 -11.26 -32.36 -7.85
N GLN D 7 8.93 -13.14 -33.81
CA GLN D 7 9.19 -12.01 -32.87
C GLN D 7 9.60 -10.73 -33.61
N TYR D 8 9.76 -9.65 -32.85
CA TYR D 8 9.99 -8.33 -33.39
C TYR D 8 11.45 -8.15 -33.76
N PRO D 9 11.73 -7.40 -34.85
CA PRO D 9 13.13 -7.12 -35.14
C PRO D 9 13.77 -6.28 -34.04
N ILE D 10 14.89 -6.76 -33.51
CA ILE D 10 15.67 -6.02 -32.50
C ILE D 10 16.83 -5.28 -33.16
N ILE D 11 17.00 -4.02 -32.76
CA ILE D 11 18.14 -3.19 -33.15
C ILE D 11 18.86 -2.78 -31.88
N ASN D 12 20.19 -2.77 -31.93
CA ASN D 12 21.02 -2.39 -30.79
C ASN D 12 21.67 -1.03 -30.99
N PHE D 13 21.87 -0.32 -29.88
CA PHE D 13 22.69 0.88 -29.88
C PHE D 13 23.23 1.14 -28.47
N THR D 14 24.50 1.49 -28.39
CA THR D 14 25.13 1.84 -27.10
C THR D 14 25.78 3.23 -27.17
N THR D 15 25.60 4.00 -26.11
CA THR D 15 26.22 5.34 -25.99
C THR D 15 27.71 5.23 -25.60
N ALA D 16 28.10 4.09 -25.05
CA ALA D 16 29.50 3.81 -24.68
C ALA D 16 30.39 3.73 -25.91
N GLY D 17 31.31 4.68 -26.04
CA GLY D 17 32.19 4.78 -27.20
C GLY D 17 31.39 5.04 -28.46
N ALA D 18 30.28 5.76 -28.32
CA ALA D 18 29.41 6.08 -29.44
C ALA D 18 30.11 7.05 -30.37
N THR D 19 29.88 6.85 -31.66
CA THR D 19 30.49 7.67 -32.70
C THR D 19 29.38 8.20 -33.59
N VAL D 20 29.75 9.05 -34.54
CA VAL D 20 28.81 9.55 -35.54
C VAL D 20 28.36 8.40 -36.47
N GLN D 21 29.27 7.46 -36.74
CA GLN D 21 28.99 6.30 -37.58
C GLN D 21 27.96 5.37 -36.94
N SER D 22 28.25 4.93 -35.71
CA SER D 22 27.35 4.05 -34.95
C SER D 22 25.95 4.64 -34.78
N TYR D 23 25.88 5.94 -34.49
CA TYR D 23 24.60 6.65 -34.38
C TYR D 23 23.87 6.74 -35.72
N THR D 24 24.63 7.00 -36.78
CA THR D 24 24.04 7.08 -38.13
C THR D 24 23.51 5.72 -38.59
N ASN D 25 24.33 4.68 -38.45
CA ASN D 25 23.92 3.30 -38.77
C ASN D 25 22.67 2.89 -37.99
N PHE D 26 22.64 3.28 -36.72
CA PHE D 26 21.53 3.01 -35.82
C PHE D 26 20.21 3.61 -36.34
N ILE D 27 20.21 4.91 -36.60
CA ILE D 27 19.01 5.62 -37.11
C ILE D 27 18.63 5.12 -38.51
N ARG D 28 19.63 4.72 -39.30
CA ARG D 28 19.40 4.11 -40.60
C ARG D 28 18.70 2.75 -40.47
N ALA D 29 19.12 1.96 -39.49
CA ALA D 29 18.50 0.67 -39.20
C ALA D 29 17.04 0.80 -38.75
N VAL D 30 16.78 1.79 -37.91
CA VAL D 30 15.42 2.11 -37.46
C VAL D 30 14.54 2.62 -38.62
N ARG D 31 15.10 3.52 -39.42
CA ARG D 31 14.38 4.08 -40.58
C ARG D 31 14.06 3.03 -41.65
N GLY D 32 14.97 2.06 -41.81
CA GLY D 32 14.78 0.96 -42.77
C GLY D 32 13.67 -0.03 -42.44
N ARG D 33 13.13 0.05 -41.22
CA ARG D 33 12.01 -0.79 -40.76
C ARG D 33 10.65 -0.09 -40.71
N LEU D 34 10.62 1.22 -40.89
CA LEU D 34 9.37 1.97 -40.93
C LEU D 34 8.55 1.63 -42.16
N THR D 35 7.24 1.46 -41.96
CA THR D 35 6.35 1.02 -43.04
C THR D 35 5.84 2.15 -43.92
N VAL D 36 5.56 1.80 -45.18
CA VAL D 36 5.10 2.75 -46.19
C VAL D 36 3.79 2.40 -46.88
N LEU D 37 3.25 1.21 -46.61
CA LEU D 37 2.00 0.80 -47.24
C LEU D 37 0.86 1.21 -46.32
N PRO D 38 -0.36 1.37 -46.88
CA PRO D 38 -1.49 1.69 -46.01
C PRO D 38 -1.51 0.86 -44.74
N ASN D 39 -1.80 1.55 -43.64
CA ASN D 39 -1.95 0.89 -42.38
C ASN D 39 -3.27 0.15 -42.42
N ARG D 40 -3.23 -1.09 -42.87
CA ARG D 40 -4.43 -1.91 -42.85
C ARG D 40 -4.72 -2.25 -41.41
N VAL D 41 -5.97 -2.64 -41.20
CA VAL D 41 -6.46 -2.99 -39.89
C VAL D 41 -6.16 -4.47 -39.70
N GLY D 42 -5.75 -4.85 -38.50
CA GLY D 42 -5.46 -6.25 -38.20
C GLY D 42 -4.19 -6.75 -38.88
N LEU D 43 -3.14 -5.94 -38.83
CA LEU D 43 -1.83 -6.33 -39.34
C LEU D 43 -1.28 -7.46 -38.48
N PRO D 44 -0.48 -8.38 -39.08
CA PRO D 44 0.21 -9.39 -38.28
C PRO D 44 0.96 -8.72 -37.12
N ILE D 45 0.66 -9.17 -35.90
CA ILE D 45 1.13 -8.50 -34.68
C ILE D 45 2.67 -8.44 -34.64
N ASN D 46 3.32 -9.49 -35.15
CA ASN D 46 4.79 -9.58 -35.23
C ASN D 46 5.54 -8.47 -36.00
N GLN D 47 4.84 -7.75 -36.86
CA GLN D 47 5.43 -6.68 -37.68
C GLN D 47 4.79 -5.30 -37.38
N ARG D 48 4.23 -5.17 -36.19
CA ARG D 48 3.63 -3.92 -35.70
C ARG D 48 4.62 -3.04 -34.93
N PHE D 49 5.66 -3.67 -34.37
CA PHE D 49 6.60 -3.01 -33.44
C PHE D 49 8.07 -3.29 -33.75
N ILE D 50 8.92 -2.30 -33.49
CA ILE D 50 10.38 -2.41 -33.53
C ILE D 50 10.89 -2.32 -32.11
N LEU D 51 11.81 -3.21 -31.74
CA LEU D 51 12.47 -3.14 -30.44
C LEU D 51 13.85 -2.53 -30.58
N VAL D 52 14.14 -1.55 -29.72
CA VAL D 52 15.43 -0.86 -29.69
C VAL D 52 16.06 -1.07 -28.31
N GLU D 53 17.09 -1.91 -28.25
CA GLU D 53 17.84 -2.16 -27.00
C GLU D 53 18.96 -1.16 -26.79
N LEU D 54 18.71 -0.16 -25.94
CA LEU D 54 19.67 0.90 -25.63
C LEU D 54 20.49 0.53 -24.41
N SER D 55 21.80 0.75 -24.51
CA SER D 55 22.72 0.60 -23.37
C SER D 55 23.64 1.80 -23.27
N ASN D 56 24.28 1.95 -22.11
CA ASN D 56 25.14 3.10 -21.84
C ASN D 56 26.43 2.71 -21.12
N HIS D 57 27.30 3.70 -20.91
CA HIS D 57 28.58 3.51 -20.20
C HIS D 57 28.38 2.98 -18.78
N ALA D 58 27.30 3.40 -18.13
CA ALA D 58 26.95 2.93 -16.77
C ALA D 58 26.53 1.44 -16.66
N GLU D 59 26.63 0.68 -17.77
CA GLU D 59 26.33 -0.75 -17.83
C GLU D 59 24.83 -1.07 -17.67
N LEU D 60 23.97 -0.06 -17.86
CA LEU D 60 22.53 -0.21 -17.74
C LEU D 60 21.94 -0.40 -19.11
N SER D 61 20.75 -1.00 -19.15
CA SER D 61 20.11 -1.37 -20.40
C SER D 61 18.59 -1.32 -20.30
N VAL D 62 17.98 -0.70 -21.32
CA VAL D 62 16.51 -0.67 -21.48
C VAL D 62 16.15 -0.97 -22.94
N THR D 63 14.92 -1.45 -23.15
CA THR D 63 14.42 -1.77 -24.48
C THR D 63 13.18 -0.95 -24.79
N LEU D 64 13.30 -0.02 -25.73
CA LEU D 64 12.15 0.76 -26.21
C LEU D 64 11.35 -0.04 -27.24
N ALA D 65 10.04 0.20 -27.26
CA ALA D 65 9.14 -0.37 -28.27
C ALA D 65 8.68 0.77 -29.15
N LEU D 66 8.94 0.66 -30.46
CA LEU D 66 8.58 1.69 -31.43
C LEU D 66 7.49 1.18 -32.37
N ASP D 67 6.55 2.06 -32.70
CA ASP D 67 5.51 1.80 -33.68
C ASP D 67 6.11 1.91 -35.09
N VAL D 68 5.97 0.86 -35.91
CA VAL D 68 6.51 0.86 -37.28
C VAL D 68 5.90 1.93 -38.20
N THR D 69 4.65 2.29 -37.95
CA THR D 69 3.93 3.29 -38.77
C THR D 69 4.49 4.70 -38.66
N ASN D 70 4.89 5.09 -37.44
CA ASN D 70 5.38 6.45 -37.17
C ASN D 70 6.69 6.58 -36.38
N ALA D 71 7.35 5.46 -36.08
CA ALA D 71 8.60 5.42 -35.29
C ALA D 71 8.52 5.92 -33.84
N TYR D 72 7.33 6.17 -33.32
CA TYR D 72 7.18 6.74 -31.97
C TYR D 72 7.23 5.65 -30.91
N VAL D 73 7.68 6.05 -29.72
CA VAL D 73 7.83 5.15 -28.58
C VAL D 73 6.45 4.86 -28.01
N VAL D 74 6.07 3.58 -27.98
CA VAL D 74 4.82 3.13 -27.34
C VAL D 74 5.03 2.73 -25.88
N GLY D 75 6.27 2.38 -25.54
CA GLY D 75 6.62 2.01 -24.18
C GLY D 75 8.01 1.44 -24.11
N TYR D 76 8.38 0.87 -22.96
CA TYR D 76 9.71 0.28 -22.81
C TYR D 76 9.77 -0.78 -21.73
N ARG D 77 10.90 -1.48 -21.72
CA ARG D 77 11.20 -2.51 -20.74
C ARG D 77 12.50 -2.17 -19.99
N ALA D 78 12.45 -2.27 -18.67
CA ALA D 78 13.63 -2.11 -17.81
C ALA D 78 13.63 -3.25 -16.82
N GLY D 79 14.57 -4.18 -17.00
CA GLY D 79 14.72 -5.33 -16.13
C GLY D 79 13.49 -6.23 -16.16
N ASN D 80 12.83 -6.35 -15.01
CA ASN D 80 11.63 -7.17 -14.85
C ASN D 80 10.35 -6.32 -14.82
N SER D 81 10.41 -5.11 -15.37
CA SER D 81 9.26 -4.20 -15.42
C SER D 81 9.10 -3.63 -16.82
N ALA D 82 7.85 -3.38 -17.20
CA ALA D 82 7.51 -2.76 -18.49
C ALA D 82 6.50 -1.64 -18.30
N TYR D 83 6.67 -0.57 -19.09
CA TYR D 83 5.83 0.62 -19.00
C TYR D 83 5.35 1.03 -20.38
N PHE D 84 4.05 1.27 -20.51
CA PHE D 84 3.45 1.66 -21.78
C PHE D 84 2.70 2.96 -21.63
N PHE D 85 2.77 3.82 -22.63
CA PHE D 85 1.88 4.98 -22.69
C PHE D 85 0.48 4.45 -22.93
N HIS D 86 -0.52 5.20 -22.47
CA HIS D 86 -1.91 4.89 -22.78
C HIS D 86 -2.06 5.00 -24.30
N PRO D 87 -2.47 3.90 -24.96
CA PRO D 87 -2.66 3.92 -26.42
C PRO D 87 -3.89 4.72 -26.82
N ASP D 88 -3.91 5.16 -28.08
CA ASP D 88 -4.98 6.02 -28.59
C ASP D 88 -6.30 5.29 -28.86
N ASN D 89 -6.21 4.03 -29.29
CA ASN D 89 -7.38 3.24 -29.69
C ASN D 89 -7.29 1.77 -29.26
N GLN D 90 -8.42 1.07 -29.37
CA GLN D 90 -8.55 -0.33 -28.95
C GLN D 90 -7.58 -1.27 -29.68
N GLU D 91 -7.35 -1.01 -30.96
CA GLU D 91 -6.48 -1.85 -31.78
C GLU D 91 -5.04 -1.77 -31.29
N ASP D 92 -4.56 -0.54 -31.10
CA ASP D 92 -3.27 -0.28 -30.47
C ASP D 92 -3.18 -0.88 -29.06
N ALA D 93 -4.26 -0.72 -28.28
CA ALA D 93 -4.31 -1.25 -26.91
C ALA D 93 -4.13 -2.77 -26.88
N GLU D 94 -4.90 -3.48 -27.70
CA GLU D 94 -4.76 -4.93 -27.87
C GLU D 94 -3.37 -5.32 -28.39
N ALA D 95 -2.83 -4.52 -29.31
CA ALA D 95 -1.52 -4.79 -29.90
C ALA D 95 -0.39 -4.79 -28.87
N ILE D 96 -0.33 -3.74 -28.05
CA ILE D 96 0.71 -3.61 -27.02
C ILE D 96 0.71 -4.67 -25.90
N THR D 97 -0.40 -5.40 -25.72
CA THR D 97 -0.43 -6.58 -24.81
C THR D 97 0.50 -7.72 -25.26
N HIS D 98 0.98 -7.67 -26.50
CA HIS D 98 1.96 -8.63 -27.02
C HIS D 98 3.43 -8.22 -26.85
N LEU D 99 3.68 -7.04 -26.27
CA LEU D 99 5.03 -6.57 -26.01
C LEU D 99 5.47 -6.92 -24.60
N PHE D 100 6.72 -7.37 -24.47
CA PHE D 100 7.33 -7.72 -23.18
C PHE D 100 6.41 -8.60 -22.32
N THR D 101 5.87 -9.65 -22.93
CA THR D 101 4.79 -10.45 -22.31
C THR D 101 5.19 -11.31 -21.09
N ASP D 102 6.49 -11.51 -20.88
CA ASP D 102 7.00 -12.31 -19.75
C ASP D 102 7.48 -11.48 -18.55
N VAL D 103 7.34 -10.16 -18.66
CA VAL D 103 7.62 -9.23 -17.57
C VAL D 103 6.58 -9.42 -16.46
N GLN D 104 7.04 -9.41 -15.22
CA GLN D 104 6.15 -9.58 -14.06
C GLN D 104 5.47 -8.30 -13.60
N ASN D 105 6.20 -7.19 -13.61
CA ASN D 105 5.63 -5.88 -13.27
C ASN D 105 5.21 -5.12 -14.53
N ARG D 106 3.92 -4.86 -14.68
CA ARG D 106 3.40 -4.28 -15.93
C ARG D 106 2.53 -3.06 -15.63
N TYR D 107 2.87 -1.95 -16.26
CA TYR D 107 2.19 -0.67 -16.04
C TYR D 107 1.79 -0.02 -17.35
N THR D 108 0.61 0.57 -17.38
CA THR D 108 0.20 1.49 -18.43
C THR D 108 0.01 2.83 -17.74
N PHE D 109 0.75 3.84 -18.20
CA PHE D 109 0.61 5.21 -17.69
C PHE D 109 -0.81 5.74 -17.90
N ALA D 110 -1.18 6.78 -17.15
CA ALA D 110 -2.50 7.41 -17.27
C ALA D 110 -2.55 8.50 -18.36
N PHE D 111 -1.55 8.51 -19.24
CA PHE D 111 -1.38 9.56 -20.23
C PHE D 111 -0.74 8.95 -21.48
N GLY D 112 -1.03 9.55 -22.64
CA GLY D 112 -0.39 9.18 -23.90
C GLY D 112 1.00 9.77 -24.00
N GLY D 113 1.78 9.26 -24.94
CA GLY D 113 3.19 9.65 -25.11
C GLY D 113 3.47 10.80 -26.07
N ASN D 114 2.53 11.73 -26.17
CA ASN D 114 2.68 12.90 -27.04
C ASN D 114 3.39 14.04 -26.33
N TYR D 115 3.97 14.95 -27.11
CA TYR D 115 4.82 16.04 -26.61
C TYR D 115 4.15 16.99 -25.62
N ASP D 116 2.94 17.47 -25.94
CA ASP D 116 2.17 18.40 -25.08
C ASP D 116 2.09 17.91 -23.64
N ARG D 117 1.87 16.61 -23.51
CA ARG D 117 1.77 15.93 -22.22
C ARG D 117 3.14 15.75 -21.56
N LEU D 118 4.11 15.23 -22.31
CA LEU D 118 5.46 15.04 -21.78
C LEU D 118 6.14 16.35 -21.36
N GLU D 119 5.90 17.42 -22.13
CA GLU D 119 6.41 18.76 -21.79
C GLU D 119 5.82 19.31 -20.49
N GLN D 120 4.51 19.18 -20.35
CA GLN D 120 3.80 19.51 -19.11
C GLN D 120 4.39 18.77 -17.91
N LEU D 121 4.73 17.51 -18.10
CA LEU D 121 5.29 16.67 -17.04
C LEU D 121 6.72 17.05 -16.68
N ALA D 122 7.56 17.25 -17.69
CA ALA D 122 8.97 17.60 -17.47
C ALA D 122 9.18 19.02 -16.92
N GLY D 123 8.21 19.91 -17.17
CA GLY D 123 8.34 21.33 -16.82
C GLY D 123 9.39 22.03 -17.68
N ASN D 124 9.63 21.48 -18.87
CA ASN D 124 10.64 21.96 -19.80
C ASN D 124 10.15 21.71 -21.22
N LEU D 125 10.29 22.71 -22.09
CA LEU D 125 9.93 22.58 -23.52
C LEU D 125 10.97 21.76 -24.28
N ARG D 126 10.53 21.10 -25.36
CA ARG D 126 11.41 20.38 -26.32
C ARG D 126 12.72 21.11 -26.62
N GLU D 127 12.58 22.35 -27.06
CA GLU D 127 13.71 23.23 -27.40
C GLU D 127 14.72 23.52 -26.28
N ASN D 128 14.28 23.46 -25.03
CA ASN D 128 15.14 23.67 -23.84
C ASN D 128 15.89 22.43 -23.38
N ILE D 129 15.43 21.26 -23.81
CA ILE D 129 16.03 19.99 -23.44
C ILE D 129 17.23 19.70 -24.36
N GLU D 130 18.43 19.80 -23.78
CA GLU D 130 19.68 19.46 -24.46
C GLU D 130 19.64 18.06 -25.02
N LEU D 131 19.91 17.93 -26.32
CA LEU D 131 20.06 16.63 -26.98
C LEU D 131 21.54 16.35 -27.25
N GLY D 132 21.85 15.08 -27.44
CA GLY D 132 23.21 14.61 -27.68
C GLY D 132 23.50 13.28 -27.02
N ASN D 133 24.71 12.76 -27.21
CA ASN D 133 25.10 11.49 -26.62
C ASN D 133 25.11 11.51 -25.10
N GLY D 134 25.54 12.63 -24.53
CA GLY D 134 25.57 12.83 -23.07
C GLY D 134 24.19 12.78 -22.43
N PRO D 135 23.24 13.60 -22.91
CA PRO D 135 21.85 13.51 -22.44
C PRO D 135 21.20 12.13 -22.61
N LEU D 136 21.43 11.47 -23.74
CA LEU D 136 20.92 10.12 -23.99
C LEU D 136 21.52 9.09 -23.01
N GLU D 137 22.79 9.25 -22.67
CA GLU D 137 23.43 8.49 -21.59
C GLU D 137 22.60 8.57 -20.30
N GLU D 138 22.33 9.80 -19.87
CA GLU D 138 21.57 10.06 -18.62
C GLU D 138 20.11 9.60 -18.72
N ALA D 139 19.50 9.84 -19.88
CA ALA D 139 18.13 9.37 -20.16
C ALA D 139 17.95 7.87 -19.98
N ILE D 140 18.93 7.09 -20.47
CA ILE D 140 18.88 5.63 -20.35
C ILE D 140 18.88 5.19 -18.88
N SER D 141 19.79 5.79 -18.08
CA SER D 141 19.84 5.55 -16.62
C SER D 141 18.56 5.95 -15.91
N ALA D 142 18.03 7.11 -16.27
CA ALA D 142 16.77 7.61 -15.71
C ALA D 142 15.62 6.65 -15.97
N LEU D 143 15.49 6.19 -17.21
CA LEU D 143 14.51 5.15 -17.58
C LEU D 143 14.72 3.83 -16.85
N TYR D 144 15.97 3.43 -16.67
CA TYR D 144 16.27 2.19 -15.95
C TYR D 144 15.89 2.29 -14.47
N TYR D 145 16.44 3.30 -13.81
CA TYR D 145 16.21 3.52 -12.37
C TYR D 145 14.78 3.93 -12.00
N TYR D 146 13.96 4.27 -12.99
CA TYR D 146 12.52 4.43 -12.75
C TYR D 146 11.85 3.14 -12.26
N SER D 147 12.34 2.00 -12.75
CA SER D 147 11.83 0.69 -12.33
C SER D 147 12.10 0.33 -10.87
N THR D 148 13.10 0.96 -10.25
CA THR D 148 13.49 0.72 -8.85
C THR D 148 13.10 1.86 -7.89
N GLY D 149 12.33 2.82 -8.37
CA GLY D 149 11.91 3.97 -7.55
C GLY D 149 12.85 5.18 -7.54
N GLY D 150 13.98 5.09 -8.24
CA GLY D 150 15.02 6.12 -8.21
C GLY D 150 14.86 7.31 -9.14
N THR D 151 13.88 7.27 -10.04
CA THR D 151 13.63 8.37 -10.99
C THR D 151 12.26 8.99 -10.75
N GLN D 152 12.23 10.32 -10.70
CA GLN D 152 10.99 11.08 -10.52
C GLN D 152 10.34 11.32 -11.87
N LEU D 153 9.02 11.50 -11.86
CA LEU D 153 8.22 11.59 -13.07
C LEU D 153 8.64 12.71 -14.05
N PRO D 154 9.02 13.90 -13.54
CA PRO D 154 9.46 14.94 -14.48
C PRO D 154 10.76 14.57 -15.21
N THR D 155 11.71 13.97 -14.50
CA THR D 155 12.95 13.47 -15.10
C THR D 155 12.67 12.32 -16.09
N LEU D 156 11.69 11.47 -15.77
CA LEU D 156 11.27 10.41 -16.68
C LEU D 156 10.66 10.97 -17.95
N ALA D 157 9.69 11.86 -17.78
CA ALA D 157 9.05 12.57 -18.90
C ALA D 157 10.07 13.25 -19.79
N ARG D 158 11.05 13.90 -19.15
CA ARG D 158 12.16 14.55 -19.85
C ARG D 158 13.03 13.55 -20.63
N SER D 159 13.32 12.42 -20.01
CA SER D 159 14.10 11.36 -20.65
C SER D 159 13.41 10.73 -21.87
N PHE D 160 12.08 10.64 -21.83
CA PHE D 160 11.29 10.22 -23.00
C PHE D 160 11.47 11.19 -24.17
N ILE D 161 11.35 12.48 -23.89
CA ILE D 161 11.53 13.51 -24.92
C ILE D 161 12.90 13.39 -25.60
N ILE D 162 13.95 13.16 -24.82
CA ILE D 162 15.30 12.95 -25.36
C ILE D 162 15.32 11.74 -26.30
N CYS D 163 14.72 10.63 -25.87
CA CYS D 163 14.65 9.41 -26.67
C CYS D 163 13.85 9.59 -27.96
N ILE D 164 12.65 10.15 -27.81
CA ILE D 164 11.74 10.40 -28.94
C ILE D 164 12.38 11.33 -29.99
N GLN D 165 13.01 12.41 -29.53
CA GLN D 165 13.69 13.37 -30.42
C GLN D 165 14.90 12.77 -31.14
N MET D 166 15.77 12.12 -30.37
CA MET D 166 17.01 11.56 -30.92
C MET D 166 16.83 10.25 -31.69
N ILE D 167 15.68 9.59 -31.52
CA ILE D 167 15.42 8.30 -32.18
C ILE D 167 14.24 8.41 -33.13
N SER D 168 13.05 8.71 -32.59
CA SER D 168 11.83 8.75 -33.40
C SER D 168 11.93 9.84 -34.46
N GLU D 169 12.17 11.07 -34.04
CA GLU D 169 12.32 12.19 -34.97
C GLU D 169 13.49 12.04 -35.94
N ALA D 170 14.61 11.49 -35.44
CA ALA D 170 15.80 11.26 -36.28
C ALA D 170 15.55 10.25 -37.40
N ALA D 171 14.80 9.20 -37.08
CA ALA D 171 14.38 8.18 -38.06
C ALA D 171 13.25 8.66 -38.97
N ARG D 172 12.34 9.46 -38.44
CA ARG D 172 11.25 10.06 -39.24
C ARG D 172 11.72 11.10 -40.26
N PHE D 173 12.83 11.77 -39.95
CA PHE D 173 13.29 12.96 -40.66
C PHE D 173 13.64 12.71 -42.13
#